data_4W5W
#
_entry.id   4W5W
#
_cell.length_a   83.850
_cell.length_b   83.850
_cell.length_c   105.820
_cell.angle_alpha   90.000
_cell.angle_beta   90.000
_cell.angle_gamma   120.000
#
_symmetry.space_group_name_H-M   'P 65'
#
loop_
_entity.id
_entity.type
_entity.pdbx_description
1 polymer 'Ribulose bisphosphate carboxylase/oxygenase activase, chloroplastic'
2 non-polymer 'SULFATE ION'
3 water water
#
_entity_poly.entity_id   1
_entity_poly.type   'polypeptide(L)'
_entity_poly.pdbx_seq_one_letter_code
;MAVKEDKQTDGDRWRGLAYDTSDDQQDITRGKGMVDSVFQAPMGTGTHHAVLSSYEYVSQGLRQYNLDNMMDGFYIAPAF
MDKLVVHITKNFLTLPNIKVPLILGIWGGKGQGKSFQCELVMAKMGINPIMMSAGELESGNAGEPAKLIRQRYREAADLI
KKGKMCCLFINDLDAGAGRMGGTTQYTVNNQMVNATLMNIADNPTNVQLPGMYNKEENARVPIICTGNDFSTLYAPLIRD
GRMEKFYWAPTREDRIGVCKGIFRTDKIKDEDIVTLVDQFPGQSIDFFGALRARVYDDEVRKFVESLGVEKIGKRLVNSR
EGPPVFEQPEMTYEKLMEYGNMLVMEQENVKRVQLAETYLSQAALGDANADAIGRGTFYGGSAWSHPQFEK
;
_entity_poly.pdbx_strand_id   A
#
# COMPACT_ATOMS: atom_id res chain seq x y z
N ASN A 66 17.82 -15.61 5.96
CA ASN A 66 16.48 -16.21 5.96
C ASN A 66 15.36 -15.18 5.62
N LEU A 67 14.33 -15.02 6.51
CA LEU A 67 13.15 -14.13 6.37
C LEU A 67 12.15 -14.60 5.29
N ASP A 68 10.99 -15.17 5.72
CA ASP A 68 9.93 -15.70 4.82
C ASP A 68 9.14 -14.56 4.18
N ASN A 69 9.48 -14.23 2.91
CA ASN A 69 8.91 -13.12 2.15
C ASN A 69 7.54 -13.27 1.45
N MET A 70 6.68 -14.20 1.92
CA MET A 70 5.34 -14.39 1.34
C MET A 70 4.19 -14.46 2.33
N MET A 71 3.07 -13.77 2.02
CA MET A 71 1.85 -13.70 2.83
C MET A 71 0.63 -13.89 1.95
N ASP A 72 -0.17 -14.95 2.20
CA ASP A 72 -1.38 -15.28 1.44
C ASP A 72 -1.14 -15.36 -0.09
N GLY A 73 0.05 -15.84 -0.48
CA GLY A 73 0.42 -15.99 -1.89
C GLY A 73 1.04 -14.77 -2.55
N PHE A 74 0.89 -13.59 -1.90
CA PHE A 74 1.45 -12.31 -2.31
C PHE A 74 2.93 -12.28 -1.90
N TYR A 75 3.80 -11.76 -2.78
CA TYR A 75 5.24 -11.64 -2.57
C TYR A 75 5.58 -10.30 -1.89
N ILE A 76 6.59 -10.34 -0.97
CA ILE A 76 7.12 -9.16 -0.29
C ILE A 76 8.58 -9.01 -0.75
N ALA A 77 9.03 -7.75 -1.04
CA ALA A 77 10.42 -7.51 -1.45
C ALA A 77 11.38 -7.77 -0.25
N PRO A 78 12.30 -8.78 -0.33
CA PRO A 78 13.21 -9.06 0.81
C PRO A 78 13.85 -7.85 1.52
N ALA A 79 14.36 -6.87 0.75
CA ALA A 79 14.97 -5.64 1.27
C ALA A 79 13.94 -4.71 1.95
N PHE A 80 12.67 -4.70 1.44
CA PHE A 80 11.59 -3.90 2.03
C PHE A 80 11.32 -4.53 3.40
N MET A 81 11.08 -5.87 3.40
CA MET A 81 10.79 -6.61 4.62
C MET A 81 11.88 -6.48 5.68
N ASP A 82 13.15 -6.62 5.29
CA ASP A 82 14.28 -6.53 6.20
C ASP A 82 14.31 -5.20 6.94
N LYS A 83 14.11 -4.09 6.20
CA LYS A 83 14.15 -2.79 6.84
C LYS A 83 13.03 -2.61 7.84
N LEU A 84 11.82 -3.06 7.46
CA LEU A 84 10.62 -2.90 8.28
C LEU A 84 10.62 -3.79 9.52
N VAL A 85 10.96 -5.09 9.35
CA VAL A 85 10.94 -6.02 10.46
C VAL A 85 11.94 -5.63 11.52
N VAL A 86 13.16 -5.25 11.08
CA VAL A 86 14.25 -4.83 11.96
C VAL A 86 13.82 -3.55 12.71
N HIS A 87 13.14 -2.61 12.03
CA HIS A 87 12.66 -1.38 12.63
C HIS A 87 11.74 -1.66 13.79
N ILE A 88 10.69 -2.51 13.54
CA ILE A 88 9.69 -2.93 14.52
C ILE A 88 10.38 -3.68 15.65
N THR A 89 11.19 -4.70 15.33
CA THR A 89 11.92 -5.49 16.32
C THR A 89 12.75 -4.61 17.27
N LYS A 90 13.65 -3.74 16.71
CA LYS A 90 14.47 -2.79 17.46
C LYS A 90 13.58 -1.99 18.43
N ASN A 91 12.38 -1.57 17.99
CA ASN A 91 11.44 -0.80 18.81
C ASN A 91 10.75 -1.57 19.93
N PHE A 92 10.92 -2.91 19.95
CA PHE A 92 10.31 -3.76 20.98
C PHE A 92 11.36 -4.51 21.79
N LEU A 93 12.57 -3.97 21.81
CA LEU A 93 13.70 -4.51 22.56
C LEU A 93 14.35 -3.40 23.39
N THR A 94 15.03 -3.80 24.51
CA THR A 94 15.85 -2.91 25.35
C THR A 94 17.31 -3.11 24.92
N LEU A 95 17.84 -2.14 24.16
CA LEU A 95 19.21 -2.14 23.67
C LEU A 95 20.08 -1.31 24.62
N PRO A 96 21.42 -1.57 24.75
CA PRO A 96 22.26 -0.77 25.68
C PRO A 96 22.12 0.74 25.50
N ASN A 97 23.05 1.39 24.81
CA ASN A 97 22.96 2.84 24.65
C ASN A 97 22.77 3.16 23.18
N ILE A 98 21.74 2.56 22.57
CA ILE A 98 21.48 2.71 21.14
C ILE A 98 20.25 3.59 20.87
N LYS A 99 20.43 4.71 20.14
CA LYS A 99 19.35 5.61 19.77
C LYS A 99 18.60 4.87 18.67
N VAL A 100 17.38 4.42 19.01
CA VAL A 100 16.52 3.67 18.10
C VAL A 100 15.52 4.67 17.50
N PRO A 101 15.46 4.87 16.15
CA PRO A 101 14.46 5.79 15.60
C PRO A 101 13.08 5.22 15.85
N LEU A 102 12.16 6.09 16.24
CA LEU A 102 10.80 5.66 16.49
C LEU A 102 10.11 5.56 15.14
N ILE A 103 10.41 6.50 14.23
CA ILE A 103 9.80 6.61 12.92
C ILE A 103 10.67 6.09 11.78
N LEU A 104 10.01 5.43 10.80
CA LEU A 104 10.63 4.97 9.56
C LEU A 104 9.81 5.51 8.40
N GLY A 105 10.44 6.35 7.59
CA GLY A 105 9.86 6.96 6.41
C GLY A 105 10.24 6.22 5.14
N ILE A 106 9.23 5.65 4.45
CA ILE A 106 9.40 4.90 3.20
C ILE A 106 8.92 5.75 2.05
N TRP A 107 9.82 6.04 1.11
CA TRP A 107 9.53 6.90 -0.02
C TRP A 107 9.97 6.33 -1.36
N GLY A 108 9.32 6.84 -2.38
CA GLY A 108 9.51 6.51 -3.78
C GLY A 108 8.28 6.97 -4.52
N GLY A 109 8.31 6.87 -5.85
CA GLY A 109 7.19 7.29 -6.67
C GLY A 109 5.93 6.48 -6.40
N LYS A 110 4.76 7.15 -6.40
CA LYS A 110 3.45 6.52 -6.18
C LYS A 110 3.24 5.38 -7.19
N GLY A 111 2.37 4.44 -6.85
CA GLY A 111 2.04 3.32 -7.73
C GLY A 111 2.84 2.06 -7.54
N GLN A 112 3.99 2.16 -6.86
CA GLN A 112 4.83 1.00 -6.56
C GLN A 112 4.21 0.21 -5.35
N GLY A 113 4.99 -0.65 -4.72
CA GLY A 113 4.47 -1.44 -3.60
C GLY A 113 4.10 -0.74 -2.29
N LYS A 114 4.96 0.17 -1.78
CA LYS A 114 4.92 0.91 -0.48
C LYS A 114 3.87 0.56 0.57
N SER A 115 2.67 1.15 0.48
CA SER A 115 1.58 0.88 1.42
C SER A 115 1.16 -0.59 1.39
N PHE A 116 1.11 -1.18 0.19
CA PHE A 116 0.69 -2.58 0.05
C PHE A 116 1.69 -3.52 0.71
N GLN A 117 3.01 -3.34 0.43
CA GLN A 117 4.13 -4.14 0.97
C GLN A 117 4.10 -4.08 2.49
N CYS A 118 3.87 -2.87 3.05
CA CYS A 118 3.74 -2.54 4.48
C CYS A 118 2.69 -3.39 5.12
N GLU A 119 1.52 -3.47 4.47
CA GLU A 119 0.34 -4.20 4.95
C GLU A 119 0.63 -5.67 5.00
N LEU A 120 1.41 -6.20 4.02
CA LEU A 120 1.80 -7.62 3.93
C LEU A 120 2.84 -8.06 4.99
N VAL A 121 3.80 -7.17 5.33
CA VAL A 121 4.84 -7.43 6.33
C VAL A 121 4.17 -7.45 7.70
N MET A 122 3.33 -6.43 7.97
CA MET A 122 2.59 -6.27 9.22
C MET A 122 1.65 -7.45 9.42
N ALA A 123 1.07 -7.98 8.33
CA ALA A 123 0.17 -9.15 8.38
C ALA A 123 0.95 -10.41 8.76
N LYS A 124 2.08 -10.68 8.06
CA LYS A 124 3.01 -11.79 8.25
C LYS A 124 3.41 -11.91 9.73
N MET A 125 3.65 -10.77 10.39
CA MET A 125 4.06 -10.66 11.78
C MET A 125 2.87 -10.83 12.75
N GLY A 126 1.64 -10.83 12.21
CA GLY A 126 0.42 -10.95 12.98
C GLY A 126 0.05 -9.65 13.67
N ILE A 127 0.19 -8.52 12.95
CA ILE A 127 -0.10 -7.18 13.50
C ILE A 127 -1.33 -6.56 12.83
N ASN A 128 -2.19 -5.95 13.67
CA ASN A 128 -3.34 -5.20 13.22
C ASN A 128 -2.96 -3.76 13.49
N PRO A 129 -2.39 -3.05 12.49
CA PRO A 129 -1.90 -1.69 12.76
C PRO A 129 -2.97 -0.61 12.78
N ILE A 130 -2.85 0.35 13.69
CA ILE A 130 -3.80 1.46 13.73
C ILE A 130 -3.36 2.39 12.56
N MET A 131 -4.13 2.39 11.46
CA MET A 131 -3.81 3.13 10.22
C MET A 131 -4.44 4.52 10.03
N MET A 132 -3.86 5.35 9.12
CA MET A 132 -4.30 6.70 8.71
C MET A 132 -3.70 7.22 7.39
N SER A 133 -4.18 8.40 6.88
CA SER A 133 -3.72 9.01 5.61
C SER A 133 -3.69 10.56 5.60
N ALA A 134 -4.89 11.16 5.45
CA ALA A 134 -5.16 12.59 5.40
C ALA A 134 -6.04 13.11 6.57
N GLY A 135 -7.13 12.43 6.97
CA GLY A 135 -7.68 11.17 6.47
C GLY A 135 -7.43 9.97 7.38
N PRO A 145 -7.97 18.18 13.93
CA PRO A 145 -6.67 18.73 13.56
C PRO A 145 -5.58 17.66 13.60
N ALA A 146 -4.40 17.97 14.18
CA ALA A 146 -3.28 17.04 14.33
C ALA A 146 -3.37 16.21 15.62
N LYS A 147 -4.41 16.44 16.46
CA LYS A 147 -4.63 15.69 17.72
C LYS A 147 -5.07 14.21 17.49
N LEU A 148 -5.50 13.88 16.26
CA LEU A 148 -5.94 12.54 15.84
C LEU A 148 -4.77 11.54 15.83
N ILE A 149 -3.54 12.03 15.55
CA ILE A 149 -2.29 11.26 15.55
C ILE A 149 -2.07 10.66 16.95
N ARG A 150 -2.22 11.49 18.00
CA ARG A 150 -2.09 11.09 19.39
C ARG A 150 -3.17 10.10 19.78
N GLN A 151 -4.36 10.21 19.14
CA GLN A 151 -5.51 9.34 19.37
C GLN A 151 -5.18 7.93 18.87
N ARG A 152 -4.79 7.84 17.59
CA ARG A 152 -4.41 6.59 16.93
C ARG A 152 -3.17 5.97 17.56
N TYR A 153 -2.22 6.82 18.05
CA TYR A 153 -0.99 6.38 18.71
C TYR A 153 -1.32 5.65 20.00
N ARG A 154 -2.17 6.25 20.83
CA ARG A 154 -2.56 5.69 22.11
C ARG A 154 -3.38 4.42 21.97
N GLU A 155 -4.14 4.30 20.86
CA GLU A 155 -4.99 3.16 20.49
C GLU A 155 -4.09 1.96 20.25
N ALA A 156 -2.91 2.20 19.63
CA ALA A 156 -1.85 1.24 19.31
C ALA A 156 -1.10 0.90 20.57
N ALA A 157 -0.79 1.90 21.41
CA ALA A 157 -0.10 1.70 22.69
C ALA A 157 -0.93 0.82 23.64
N ASP A 158 -2.28 0.86 23.50
CA ASP A 158 -3.23 0.08 24.29
C ASP A 158 -3.32 -1.34 23.82
N LEU A 159 -3.10 -1.57 22.51
CA LEU A 159 -3.09 -2.91 21.94
C LEU A 159 -1.82 -3.65 22.43
N ILE A 160 -0.72 -2.90 22.63
CA ILE A 160 0.54 -3.40 23.18
C ILE A 160 0.34 -3.76 24.68
N LYS A 161 -0.30 -2.86 25.46
CA LYS A 161 -0.61 -3.08 26.89
C LYS A 161 -1.34 -4.44 27.14
N LYS A 162 -2.26 -4.80 26.21
CA LYS A 162 -3.05 -6.03 26.20
C LYS A 162 -2.23 -7.18 25.57
N GLY A 163 -0.91 -6.99 25.47
CA GLY A 163 0.05 -7.95 24.94
C GLY A 163 -0.11 -8.29 23.47
N LYS A 164 -0.44 -7.29 22.64
CA LYS A 164 -0.59 -7.54 21.21
C LYS A 164 0.26 -6.52 20.45
N MET A 165 1.42 -6.94 19.92
CA MET A 165 2.34 -6.08 19.15
C MET A 165 1.58 -5.30 18.08
N CYS A 166 1.77 -3.96 18.10
CA CYS A 166 1.10 -3.00 17.22
C CYS A 166 2.03 -1.86 16.86
N CYS A 167 1.69 -1.12 15.80
CA CYS A 167 2.46 0.05 15.35
C CYS A 167 1.56 1.06 14.64
N LEU A 168 2.02 2.33 14.52
CA LEU A 168 1.29 3.39 13.84
C LEU A 168 1.76 3.52 12.40
N PHE A 169 0.84 3.31 11.45
CA PHE A 169 1.10 3.34 10.02
C PHE A 169 0.36 4.50 9.30
N ILE A 170 1.11 5.51 8.82
CA ILE A 170 0.57 6.70 8.14
C ILE A 170 0.83 6.69 6.61
N ASN A 171 -0.24 6.46 5.82
CA ASN A 171 -0.23 6.42 4.37
C ASN A 171 -0.16 7.81 3.76
N ASP A 172 0.51 7.92 2.59
CA ASP A 172 0.67 9.13 1.76
C ASP A 172 0.93 10.49 2.46
N LEU A 173 2.19 10.94 2.39
CA LEU A 173 2.69 12.21 2.92
C LEU A 173 3.49 12.95 1.83
N THR A 183 -1.13 22.91 6.23
CA THR A 183 -1.80 22.02 7.18
C THR A 183 -0.83 20.97 7.73
N THR A 184 0.09 20.47 6.87
CA THR A 184 1.12 19.47 7.18
C THR A 184 2.20 20.03 8.15
N GLN A 185 2.06 21.31 8.56
CA GLN A 185 2.98 21.99 9.45
C GLN A 185 2.89 21.48 10.90
N TYR A 186 1.67 21.28 11.43
CA TYR A 186 1.46 20.78 12.79
C TYR A 186 1.83 19.30 12.95
N THR A 187 1.52 18.45 11.95
CA THR A 187 1.84 17.02 11.99
C THR A 187 3.33 16.78 12.28
N VAL A 188 4.24 17.56 11.63
CA VAL A 188 5.69 17.50 11.83
C VAL A 188 5.98 17.68 13.32
N ASN A 189 5.43 18.75 13.95
CA ASN A 189 5.58 18.99 15.40
C ASN A 189 4.99 17.87 16.23
N ASN A 190 3.74 17.44 15.90
CA ASN A 190 3.05 16.35 16.59
C ASN A 190 3.88 15.08 16.59
N GLN A 191 4.53 14.78 15.46
CA GLN A 191 5.42 13.62 15.33
C GLN A 191 6.66 13.83 16.17
N MET A 192 7.20 15.06 16.17
CA MET A 192 8.42 15.48 16.88
C MET A 192 8.29 15.36 18.40
N VAL A 193 7.11 15.76 18.95
CA VAL A 193 6.78 15.71 20.38
C VAL A 193 6.64 14.25 20.83
N ASN A 194 6.11 13.39 19.94
CA ASN A 194 5.97 11.96 20.22
C ASN A 194 7.34 11.29 20.23
N ALA A 195 8.16 11.55 19.20
CA ALA A 195 9.52 11.03 19.04
C ALA A 195 10.44 11.36 20.23
N THR A 196 10.18 12.49 20.91
CA THR A 196 10.93 12.96 22.08
C THR A 196 10.44 12.26 23.35
N LEU A 197 9.13 12.00 23.47
CA LEU A 197 8.58 11.33 24.64
C LEU A 197 7.41 10.41 24.25
N MET A 198 7.77 9.22 23.75
CA MET A 198 6.91 8.15 23.25
C MET A 198 6.32 7.27 24.35
N ASN A 199 7.06 7.10 25.47
CA ASN A 199 6.58 6.33 26.61
C ASN A 199 5.48 7.12 27.35
N ILE A 200 5.45 8.46 27.20
CA ILE A 200 4.39 9.28 27.78
C ILE A 200 3.87 10.34 26.80
N ALA A 201 2.87 9.94 25.98
CA ALA A 201 2.19 10.75 24.96
C ALA A 201 0.70 10.84 25.31
N ASP A 202 0.25 11.99 25.82
CA ASP A 202 -1.15 12.19 26.20
C ASP A 202 -1.90 13.26 25.39
N ASN A 203 -3.25 13.09 25.32
CA ASN A 203 -4.31 13.89 24.66
C ASN A 203 -5.27 12.97 23.90
N LYS A 215 -0.12 10.96 33.48
CA LYS A 215 -1.17 10.04 33.93
C LYS A 215 -0.89 8.59 33.47
N GLU A 216 -0.25 7.79 34.35
CA GLU A 216 0.11 6.36 34.16
C GLU A 216 1.37 6.03 33.31
N GLU A 217 1.63 6.76 32.19
CA GLU A 217 2.77 6.52 31.26
C GLU A 217 2.50 5.30 30.35
N ASN A 218 2.45 5.53 29.01
CA ASN A 218 2.11 4.53 27.97
C ASN A 218 3.25 3.72 27.31
N ALA A 219 2.87 2.84 26.37
CA ALA A 219 3.77 1.98 25.62
C ALA A 219 4.40 2.72 24.44
N ARG A 220 5.65 2.38 24.10
CA ARG A 220 6.37 2.92 22.95
C ARG A 220 5.81 2.26 21.67
N VAL A 221 5.45 3.08 20.69
CA VAL A 221 4.88 2.61 19.43
C VAL A 221 5.74 2.99 18.22
N PRO A 222 6.29 2.00 17.46
CA PRO A 222 6.99 2.37 16.21
C PRO A 222 6.02 3.03 15.25
N ILE A 223 6.47 4.09 14.59
CA ILE A 223 5.68 4.83 13.61
C ILE A 223 6.30 4.57 12.25
N ILE A 224 5.47 4.15 11.28
CA ILE A 224 5.85 3.82 9.91
C ILE A 224 5.10 4.77 8.97
N CYS A 225 5.85 5.59 8.17
CA CYS A 225 5.32 6.60 7.25
C CYS A 225 5.66 6.33 5.79
N THR A 226 4.65 6.43 4.89
CA THR A 226 4.86 6.29 3.44
C THR A 226 4.62 7.65 2.78
N GLY A 227 5.39 7.97 1.75
CA GLY A 227 5.27 9.24 1.03
C GLY A 227 5.94 9.26 -0.33
N ASN A 228 6.08 10.47 -0.91
CA ASN A 228 6.68 10.67 -2.22
C ASN A 228 8.18 10.99 -2.21
N ASP A 229 8.59 12.05 -1.47
CA ASP A 229 9.98 12.48 -1.44
C ASP A 229 10.43 12.83 -0.01
N PHE A 230 9.44 13.15 0.86
CA PHE A 230 9.58 13.58 2.26
C PHE A 230 10.30 14.92 2.34
N SER A 231 9.49 15.99 2.50
CA SER A 231 9.91 17.40 2.58
C SER A 231 11.07 17.63 3.55
N THR A 232 11.85 18.73 3.32
CA THR A 232 12.97 19.13 4.20
C THR A 232 12.44 19.53 5.59
N LEU A 233 11.10 19.47 5.75
CA LEU A 233 10.34 19.71 6.97
C LEU A 233 10.62 18.60 7.98
N TYR A 234 10.88 17.37 7.47
CA TYR A 234 11.13 16.14 8.23
C TYR A 234 12.60 15.92 8.62
N ALA A 235 13.52 16.73 8.03
CA ALA A 235 14.98 16.69 8.29
C ALA A 235 15.40 16.85 9.78
N PRO A 236 14.73 17.68 10.64
CA PRO A 236 15.15 17.76 12.07
C PRO A 236 15.12 16.41 12.82
N LEU A 237 14.13 15.54 12.47
CA LEU A 237 13.97 14.20 13.03
C LEU A 237 15.07 13.29 12.45
N ILE A 238 15.41 13.48 11.14
CA ILE A 238 16.41 12.72 10.40
C ILE A 238 17.83 12.86 10.97
N ARG A 239 18.29 14.10 11.25
CA ARG A 239 19.64 14.34 11.79
C ARG A 239 19.76 13.93 13.26
N ASP A 240 18.65 14.03 14.00
CA ASP A 240 18.53 13.64 15.41
C ASP A 240 18.64 12.09 15.55
N GLY A 241 17.96 11.37 14.65
CA GLY A 241 17.90 9.91 14.64
C GLY A 241 16.59 9.38 15.21
N ARG A 242 15.51 10.22 15.13
CA ARG A 242 14.14 9.95 15.58
C ARG A 242 13.40 9.34 14.41
N MET A 243 13.84 9.68 13.20
CA MET A 243 13.32 9.16 11.95
C MET A 243 14.45 8.67 11.06
N GLU A 244 14.24 7.48 10.48
CA GLU A 244 15.15 6.86 9.53
C GLU A 244 14.45 6.91 8.18
N LYS A 245 15.17 7.35 7.14
CA LYS A 245 14.64 7.48 5.77
C LYS A 245 15.10 6.27 4.93
N PHE A 246 14.13 5.58 4.30
CA PHE A 246 14.44 4.43 3.48
C PHE A 246 13.83 4.60 2.10
N TYR A 247 14.72 4.64 1.07
CA TYR A 247 14.31 4.76 -0.32
C TYR A 247 14.08 3.36 -0.90
N TRP A 248 12.88 3.15 -1.42
CA TRP A 248 12.56 1.87 -2.03
C TRP A 248 11.92 2.02 -3.43
N ALA A 249 12.55 1.33 -4.41
CA ALA A 249 12.13 1.27 -5.82
C ALA A 249 12.16 -0.19 -6.24
N PRO A 250 11.04 -0.72 -6.75
CA PRO A 250 11.01 -2.14 -7.12
C PRO A 250 11.90 -2.50 -8.30
N THR A 251 12.65 -3.60 -8.15
CA THR A 251 13.50 -4.18 -9.20
C THR A 251 12.58 -4.96 -10.15
N ARG A 252 13.12 -5.42 -11.29
CA ARG A 252 12.38 -6.23 -12.25
C ARG A 252 11.81 -7.48 -11.55
N GLU A 253 12.57 -8.08 -10.59
CA GLU A 253 12.15 -9.27 -9.86
C GLU A 253 11.04 -8.95 -8.85
N ASP A 254 11.04 -7.73 -8.27
CA ASP A 254 10.00 -7.31 -7.33
C ASP A 254 8.67 -7.19 -8.07
N ARG A 255 8.72 -6.53 -9.25
CA ARG A 255 7.58 -6.32 -10.14
C ARG A 255 6.97 -7.64 -10.56
N ILE A 256 7.84 -8.62 -10.94
CA ILE A 256 7.44 -9.98 -11.33
C ILE A 256 6.86 -10.73 -10.12
N GLY A 257 7.52 -10.61 -8.96
CA GLY A 257 7.10 -11.23 -7.73
C GLY A 257 5.69 -10.80 -7.35
N VAL A 258 5.49 -9.48 -7.25
CA VAL A 258 4.19 -8.88 -6.94
C VAL A 258 3.06 -9.35 -7.90
N CYS A 259 3.31 -9.30 -9.23
CA CYS A 259 2.35 -9.71 -10.27
C CYS A 259 1.86 -11.15 -10.19
N LYS A 260 2.79 -12.09 -9.88
CA LYS A 260 2.46 -13.50 -9.70
C LYS A 260 1.42 -13.64 -8.56
N GLY A 261 1.52 -12.76 -7.56
CA GLY A 261 0.61 -12.75 -6.41
C GLY A 261 -0.75 -12.20 -6.76
N ILE A 262 -0.78 -11.14 -7.61
CA ILE A 262 -1.95 -10.41 -8.11
C ILE A 262 -2.83 -11.33 -8.97
N PHE A 263 -2.19 -12.10 -9.88
CA PHE A 263 -2.80 -13.06 -10.80
C PHE A 263 -2.56 -14.53 -10.32
N ARG A 264 -2.53 -14.78 -8.99
CA ARG A 264 -2.25 -16.11 -8.41
C ARG A 264 -3.44 -17.03 -8.57
N THR A 265 -4.64 -16.44 -8.44
CA THR A 265 -5.97 -17.05 -8.55
C THR A 265 -6.39 -17.24 -10.02
N ASP A 266 -5.65 -16.64 -10.97
CA ASP A 266 -5.99 -16.64 -12.39
C ASP A 266 -5.36 -17.68 -13.28
N LYS A 267 -6.09 -18.01 -14.38
CA LYS A 267 -5.77 -18.94 -15.45
C LYS A 267 -4.29 -18.92 -15.88
N ILE A 268 -3.75 -17.73 -16.19
CA ILE A 268 -2.39 -17.49 -16.70
C ILE A 268 -1.24 -18.26 -16.08
N LYS A 269 -0.27 -18.64 -16.96
CA LYS A 269 0.99 -19.31 -16.64
C LYS A 269 1.89 -18.21 -16.09
N ASP A 270 2.87 -18.59 -15.26
CA ASP A 270 3.83 -17.66 -14.68
C ASP A 270 4.76 -17.09 -15.75
N GLU A 271 5.15 -17.92 -16.73
CA GLU A 271 5.99 -17.53 -17.88
C GLU A 271 5.34 -16.37 -18.64
N ASP A 272 4.01 -16.39 -18.77
CA ASP A 272 3.26 -15.33 -19.44
C ASP A 272 3.23 -14.04 -18.61
N ILE A 273 3.10 -14.17 -17.26
CA ILE A 273 3.10 -13.04 -16.30
C ILE A 273 4.41 -12.24 -16.40
N VAL A 274 5.56 -12.95 -16.57
CA VAL A 274 6.91 -12.36 -16.72
C VAL A 274 6.98 -11.53 -18.01
N THR A 275 6.45 -12.08 -19.12
CA THR A 275 6.43 -11.46 -20.45
C THR A 275 5.65 -10.15 -20.44
N LEU A 276 4.47 -10.18 -19.78
CA LEU A 276 3.56 -9.04 -19.61
C LEU A 276 4.23 -7.90 -18.82
N VAL A 277 4.93 -8.24 -17.71
CA VAL A 277 5.72 -7.31 -16.88
C VAL A 277 6.83 -6.69 -17.77
N ASP A 278 7.52 -7.51 -18.59
CA ASP A 278 8.56 -7.04 -19.50
C ASP A 278 8.01 -6.15 -20.61
N GLN A 279 6.76 -6.37 -21.02
CA GLN A 279 6.15 -5.54 -22.07
C GLN A 279 5.77 -4.12 -21.61
N PHE A 280 5.68 -3.88 -20.27
CA PHE A 280 5.32 -2.57 -19.72
C PHE A 280 6.32 -2.09 -18.64
N PRO A 281 7.63 -1.88 -19.01
CA PRO A 281 8.61 -1.48 -17.98
C PRO A 281 8.50 -0.06 -17.44
N GLY A 282 7.77 0.80 -18.15
CA GLY A 282 7.54 2.16 -17.69
C GLY A 282 6.34 2.27 -16.75
N GLN A 283 5.63 1.13 -16.55
CA GLN A 283 4.44 1.05 -15.73
C GLN A 283 4.69 0.58 -14.31
N SER A 284 4.12 1.30 -13.34
CA SER A 284 4.16 0.99 -11.91
C SER A 284 3.35 -0.30 -11.64
N ILE A 285 3.44 -0.84 -10.41
CA ILE A 285 2.75 -2.08 -10.04
C ILE A 285 1.20 -1.94 -10.05
N ASP A 286 0.66 -0.81 -9.56
CA ASP A 286 -0.80 -0.60 -9.59
C ASP A 286 -1.46 -0.65 -11.01
N PHE A 287 -0.64 -0.47 -12.09
CA PHE A 287 -1.07 -0.61 -13.49
C PHE A 287 -1.57 -2.04 -13.73
N PHE A 288 -0.81 -3.04 -13.26
CA PHE A 288 -1.14 -4.46 -13.40
C PHE A 288 -2.40 -4.82 -12.60
N GLY A 289 -2.61 -4.15 -11.47
CA GLY A 289 -3.80 -4.32 -10.65
C GLY A 289 -5.00 -3.71 -11.36
N ALA A 290 -4.81 -2.52 -11.98
CA ALA A 290 -5.85 -1.82 -12.74
C ALA A 290 -6.22 -2.64 -13.97
N LEU A 291 -5.22 -3.33 -14.56
CA LEU A 291 -5.37 -4.19 -15.74
C LEU A 291 -6.30 -5.36 -15.40
N ARG A 292 -6.05 -6.04 -14.27
CA ARG A 292 -6.86 -7.17 -13.81
C ARG A 292 -8.31 -6.74 -13.49
N ALA A 293 -8.45 -5.57 -12.82
CA ALA A 293 -9.73 -5.03 -12.41
C ALA A 293 -10.66 -4.76 -13.62
N ARG A 294 -10.09 -4.27 -14.73
N ARG A 294 -10.09 -4.27 -14.73
CA ARG A 294 -10.85 -3.93 -15.95
CA ARG A 294 -10.81 -3.92 -15.96
C ARG A 294 -11.38 -5.17 -16.68
C ARG A 294 -11.36 -5.16 -16.69
N VAL A 295 -10.63 -6.29 -16.63
CA VAL A 295 -11.03 -7.56 -17.25
C VAL A 295 -12.28 -8.08 -16.52
N TYR A 296 -12.28 -8.00 -15.17
CA TYR A 296 -13.40 -8.38 -14.32
C TYR A 296 -14.58 -7.47 -14.57
N ASP A 297 -14.35 -6.15 -14.67
CA ASP A 297 -15.36 -5.11 -14.91
C ASP A 297 -16.05 -5.36 -16.27
N ASP A 298 -15.29 -5.88 -17.26
CA ASP A 298 -15.83 -6.16 -18.58
C ASP A 298 -16.63 -7.43 -18.60
N GLU A 299 -16.20 -8.43 -17.82
CA GLU A 299 -16.85 -9.74 -17.72
C GLU A 299 -18.21 -9.62 -17.01
N VAL A 300 -18.29 -8.71 -16.00
CA VAL A 300 -19.53 -8.45 -15.25
C VAL A 300 -20.55 -7.76 -16.18
N ARG A 301 -20.04 -6.92 -17.11
CA ARG A 301 -20.82 -6.22 -18.13
C ARG A 301 -21.44 -7.23 -19.11
N LYS A 302 -20.67 -8.28 -19.52
CA LYS A 302 -21.12 -9.38 -20.41
C LYS A 302 -22.22 -10.19 -19.72
N PHE A 303 -22.05 -10.45 -18.42
CA PHE A 303 -23.01 -11.17 -17.56
C PHE A 303 -24.31 -10.38 -17.45
N VAL A 304 -24.21 -9.07 -17.19
CA VAL A 304 -25.33 -8.13 -17.06
C VAL A 304 -26.10 -7.99 -18.39
N GLU A 305 -25.37 -7.83 -19.51
CA GLU A 305 -25.93 -7.69 -20.86
C GLU A 305 -26.67 -8.98 -21.26
N SER A 306 -26.06 -10.16 -20.95
CA SER A 306 -26.64 -11.45 -21.27
C SER A 306 -27.84 -11.81 -20.41
N LEU A 307 -27.84 -11.44 -19.12
CA LEU A 307 -28.98 -11.74 -18.24
C LEU A 307 -30.12 -10.77 -18.52
N GLY A 308 -29.84 -9.48 -18.37
CA GLY A 308 -30.79 -8.38 -18.53
C GLY A 308 -30.99 -7.65 -17.23
N VAL A 309 -31.02 -6.30 -17.27
CA VAL A 309 -31.24 -5.40 -16.13
C VAL A 309 -32.32 -5.83 -15.15
N GLU A 310 -33.52 -6.21 -15.67
CA GLU A 310 -34.70 -6.62 -14.90
C GLU A 310 -34.55 -7.93 -14.12
N LYS A 311 -33.71 -8.88 -14.62
CA LYS A 311 -33.51 -10.19 -13.97
C LYS A 311 -32.35 -10.25 -12.96
N ILE A 312 -31.53 -9.15 -12.85
CA ILE A 312 -30.35 -9.09 -11.95
C ILE A 312 -30.70 -9.26 -10.49
N GLY A 313 -31.65 -8.44 -10.03
CA GLY A 313 -32.11 -8.46 -8.64
C GLY A 313 -32.46 -9.82 -8.08
N LYS A 314 -33.38 -10.55 -8.74
CA LYS A 314 -33.86 -11.85 -8.30
C LYS A 314 -32.77 -12.93 -8.27
N ARG A 315 -31.93 -12.99 -9.31
CA ARG A 315 -30.84 -13.95 -9.37
C ARG A 315 -29.76 -13.67 -8.32
N LEU A 316 -29.46 -12.40 -8.06
CA LEU A 316 -28.40 -12.04 -7.13
C LEU A 316 -28.77 -11.98 -5.63
N VAL A 317 -29.95 -11.42 -5.31
CA VAL A 317 -30.53 -11.25 -3.96
C VAL A 317 -32.00 -11.71 -4.00
N ASN A 318 -32.29 -12.83 -3.33
CA ASN A 318 -33.60 -13.50 -3.16
C ASN A 318 -33.26 -14.87 -2.64
N SER A 319 -32.27 -15.50 -3.33
CA SER A 319 -31.69 -16.80 -3.02
C SER A 319 -31.34 -16.77 -1.53
N ARG A 320 -32.04 -17.66 -0.77
CA ARG A 320 -32.02 -17.79 0.70
C ARG A 320 -30.68 -17.62 1.42
N GLU A 321 -29.55 -17.88 0.71
CA GLU A 321 -28.19 -17.75 1.25
C GLU A 321 -27.08 -17.41 0.22
N GLY A 322 -26.29 -16.38 0.58
CA GLY A 322 -25.05 -15.92 -0.05
C GLY A 322 -25.00 -15.17 -1.37
N PRO A 323 -24.02 -14.22 -1.53
CA PRO A 323 -23.84 -13.55 -2.84
C PRO A 323 -23.07 -14.47 -3.79
N PRO A 324 -23.61 -14.73 -5.01
CA PRO A 324 -22.99 -15.70 -5.93
C PRO A 324 -21.51 -15.48 -6.26
N VAL A 325 -20.79 -16.60 -6.45
CA VAL A 325 -19.36 -16.55 -6.77
C VAL A 325 -19.22 -16.30 -8.27
N PHE A 326 -18.50 -15.26 -8.65
CA PHE A 326 -18.32 -14.95 -10.05
C PHE A 326 -17.17 -15.76 -10.62
N GLU A 327 -17.46 -16.51 -11.68
CA GLU A 327 -16.52 -17.38 -12.37
C GLU A 327 -15.43 -16.53 -13.00
N GLN A 328 -14.18 -16.87 -12.71
CA GLN A 328 -13.00 -16.18 -13.22
C GLN A 328 -12.87 -16.21 -14.77
N PRO A 329 -12.65 -15.03 -15.40
CA PRO A 329 -12.50 -14.98 -16.86
C PRO A 329 -11.27 -15.69 -17.39
N GLU A 330 -11.35 -16.17 -18.65
CA GLU A 330 -10.26 -16.87 -19.34
C GLU A 330 -9.21 -15.82 -19.69
N MET A 331 -8.10 -15.79 -18.91
CA MET A 331 -7.03 -14.79 -19.02
C MET A 331 -5.80 -15.22 -19.81
N THR A 332 -5.89 -15.24 -21.15
CA THR A 332 -4.74 -15.53 -22.03
C THR A 332 -3.69 -14.37 -21.96
N TYR A 333 -2.47 -14.59 -22.52
CA TYR A 333 -1.41 -13.59 -22.57
C TYR A 333 -1.87 -12.41 -23.41
N GLU A 334 -2.44 -12.71 -24.59
CA GLU A 334 -2.94 -11.77 -25.60
C GLU A 334 -4.04 -10.86 -25.08
N LYS A 335 -4.96 -11.41 -24.25
CA LYS A 335 -6.06 -10.64 -23.64
C LYS A 335 -5.49 -9.57 -22.71
N LEU A 336 -4.62 -10.02 -21.74
CA LEU A 336 -3.92 -9.19 -20.76
C LEU A 336 -3.12 -8.10 -21.47
N MET A 337 -2.50 -8.47 -22.60
CA MET A 337 -1.70 -7.63 -23.48
C MET A 337 -2.54 -6.53 -24.15
N GLU A 338 -3.76 -6.86 -24.60
CA GLU A 338 -4.71 -5.93 -25.22
C GLU A 338 -5.20 -4.99 -24.17
N TYR A 339 -5.56 -5.52 -22.98
CA TYR A 339 -6.01 -4.69 -21.85
C TYR A 339 -4.96 -3.70 -21.40
N GLY A 340 -3.72 -4.17 -21.35
CA GLY A 340 -2.56 -3.39 -20.97
C GLY A 340 -2.35 -2.23 -21.90
N ASN A 341 -2.26 -2.55 -23.22
CA ASN A 341 -2.07 -1.56 -24.29
C ASN A 341 -3.19 -0.55 -24.32
N MET A 342 -4.42 -0.99 -24.00
CA MET A 342 -5.60 -0.12 -23.93
C MET A 342 -5.43 0.94 -22.83
N LEU A 343 -4.97 0.52 -21.61
CA LEU A 343 -4.73 1.42 -20.46
C LEU A 343 -3.66 2.46 -20.76
N VAL A 344 -2.61 2.05 -21.49
CA VAL A 344 -1.54 2.95 -21.90
C VAL A 344 -2.11 4.06 -22.80
N MET A 345 -3.03 3.70 -23.73
CA MET A 345 -3.72 4.64 -24.63
C MET A 345 -4.49 5.68 -23.82
N GLU A 346 -5.22 5.20 -22.80
CA GLU A 346 -6.01 6.04 -21.90
C GLU A 346 -5.09 6.98 -21.12
N GLN A 347 -3.90 6.48 -20.69
CA GLN A 347 -2.86 7.26 -19.99
C GLN A 347 -2.32 8.36 -20.92
N GLU A 348 -1.98 7.99 -22.18
CA GLU A 348 -1.47 8.88 -23.21
C GLU A 348 -2.52 9.93 -23.64
N ASN A 349 -3.77 9.51 -23.93
CA ASN A 349 -4.86 10.41 -24.32
C ASN A 349 -5.12 11.50 -23.29
N VAL A 350 -5.06 11.16 -21.99
CA VAL A 350 -5.27 12.16 -20.94
C VAL A 350 -4.19 13.26 -21.06
N LYS A 351 -2.92 12.85 -21.27
CA LYS A 351 -1.74 13.71 -21.41
C LYS A 351 -1.90 14.61 -22.64
N ARG A 352 -2.15 13.98 -23.80
CA ARG A 352 -2.38 14.62 -25.10
C ARG A 352 -3.44 15.74 -24.96
N VAL A 353 -4.58 15.43 -24.30
CA VAL A 353 -5.67 16.39 -24.07
C VAL A 353 -5.20 17.61 -23.28
N GLN A 354 -4.40 17.38 -22.21
CA GLN A 354 -3.89 18.44 -21.34
C GLN A 354 -2.95 19.36 -22.10
N LEU A 355 -2.10 18.77 -22.96
CA LEU A 355 -1.12 19.47 -23.78
C LEU A 355 -1.83 20.25 -24.87
N ALA A 356 -2.88 19.66 -25.46
CA ALA A 356 -3.66 20.28 -26.53
C ALA A 356 -4.44 21.51 -26.03
N GLU A 357 -4.79 21.55 -24.73
CA GLU A 357 -5.56 22.65 -24.19
C GLU A 357 -4.77 23.94 -24.07
N THR A 358 -3.44 23.85 -24.02
CA THR A 358 -2.53 25.01 -23.92
C THR A 358 -2.63 25.93 -25.15
N TYR A 359 -3.08 25.38 -26.29
CA TYR A 359 -3.26 26.03 -27.59
C TYR A 359 -4.59 26.80 -27.70
N LEU A 360 -5.46 26.69 -26.70
CA LEU A 360 -6.73 27.40 -26.73
C LEU A 360 -6.87 28.35 -25.54
N SER A 361 -7.21 29.62 -25.81
CA SER A 361 -7.36 30.67 -24.80
C SER A 361 -8.38 30.31 -23.71
N GLN A 362 -8.10 30.77 -22.47
CA GLN A 362 -8.89 30.54 -21.24
C GLN A 362 -10.29 31.21 -21.27
N ALA A 363 -11.31 30.41 -21.63
CA ALA A 363 -12.72 30.80 -21.76
C ALA A 363 -13.64 29.59 -21.58
#